data_5TPV
#
_entry.id   5TPV
#
_cell.length_a   177.953
_cell.length_b   177.953
_cell.length_c   88.600
_cell.angle_alpha   90.00
_cell.angle_beta   90.00
_cell.angle_gamma   90.00
#
_symmetry.space_group_name_H-M   'I 4 2 2'
#
loop_
_entity.id
_entity.type
_entity.pdbx_description
1 polymer 'WlaRA, TDP-fucose-3,4-ketoisomerase'
2 non-polymer "THYMIDINE-5'-DIPHOSPHATE"
3 non-polymer 'PHOSPHATE ION'
4 water water
#
_entity_poly.entity_id   1
_entity_poly.type   'polypeptide(L)'
_entity_poly.pdbx_seq_one_letter_code
;MNYTILKFKTINSKNSILNVHQKDVNCPFEIKRIFYIYDFLDDSIRGDHANLNSEFIFIALNGSCEILIDDGKTKQKIIL
NNKTKGLYIDKMIWKQMYNFSKDCILLVLTNTYYDEKEYIYDYKYFCELKNNIVWRGGYAIKTMPLEHHHHHH
;
_entity_poly.pdbx_strand_id   A,B,C
#
# COMPACT_ATOMS: atom_id res chain seq x y z
N MET A 1 14.32 -14.24 -7.99
CA MET A 1 12.93 -13.74 -7.83
C MET A 1 12.90 -12.70 -6.71
N ASN A 2 11.97 -11.77 -6.83
CA ASN A 2 11.96 -10.65 -5.91
C ASN A 2 11.03 -10.95 -4.72
N TYR A 3 11.60 -11.70 -3.78
CA TYR A 3 10.95 -12.07 -2.53
C TYR A 3 11.98 -11.90 -1.43
N THR A 4 11.49 -11.69 -0.22
CA THR A 4 12.37 -11.63 0.95
C THR A 4 11.58 -12.19 2.09
N ILE A 5 12.33 -12.78 3.00
CA ILE A 5 11.82 -13.13 4.29
C ILE A 5 12.17 -11.99 5.22
N LEU A 6 11.12 -11.39 5.76
CA LEU A 6 11.26 -10.25 6.66
C LEU A 6 11.24 -10.76 8.08
N LYS A 7 12.00 -10.05 8.89
CA LYS A 7 12.08 -10.30 10.33
C LYS A 7 11.59 -9.02 11.04
N PHE A 8 10.45 -9.13 11.72
CA PHE A 8 9.81 -7.96 12.31
C PHE A 8 10.45 -7.57 13.65
N LYS A 9 10.58 -6.27 13.86
CA LYS A 9 10.84 -5.69 15.16
C LYS A 9 9.55 -5.64 15.94
N THR A 10 9.62 -6.00 17.20
CA THR A 10 8.48 -5.98 18.05
C THR A 10 8.73 -5.00 19.18
N ILE A 11 7.66 -4.62 19.83
CA ILE A 11 7.76 -3.75 20.98
C ILE A 11 7.23 -4.55 22.16
N ASN A 12 8.17 -4.93 23.03
CA ASN A 12 7.83 -5.77 24.19
C ASN A 12 7.60 -4.85 25.39
N SER A 13 6.34 -4.66 25.75
CA SER A 13 5.98 -3.81 26.90
C SER A 13 4.61 -4.17 27.43
N LYS A 14 4.26 -3.62 28.59
CA LYS A 14 2.97 -3.87 29.21
C LYS A 14 2.61 -5.33 29.21
N ASN A 15 3.61 -6.16 29.45
CA ASN A 15 3.34 -7.58 29.64
C ASN A 15 2.74 -8.26 28.39
N SER A 16 3.14 -7.74 27.24
CA SER A 16 2.62 -8.30 26.01
C SER A 16 3.55 -7.91 24.88
N ILE A 17 3.18 -8.25 23.64
CA ILE A 17 4.05 -7.92 22.52
C ILE A 17 3.26 -7.27 21.40
N LEU A 18 3.82 -6.19 20.86
CA LEU A 18 3.17 -5.37 19.85
C LEU A 18 3.99 -5.39 18.58
N ASN A 19 3.32 -5.71 17.47
CA ASN A 19 3.93 -5.69 16.14
C ASN A 19 3.22 -4.68 15.22
N VAL A 20 3.97 -3.73 14.70
CA VAL A 20 3.40 -2.64 13.94
C VAL A 20 3.77 -2.77 12.47
N HIS A 21 2.82 -2.52 11.58
CA HIS A 21 3.14 -2.44 10.16
C HIS A 21 2.61 -1.15 9.49
N GLN A 22 3.51 -0.45 8.80
CA GLN A 22 3.13 0.70 7.99
C GLN A 22 4.30 0.93 7.07
N LYS A 23 4.08 1.70 6.02
CA LYS A 23 5.17 2.10 5.15
C LYS A 23 6.43 2.37 5.97
N ASP A 24 7.54 1.68 5.65
CA ASP A 24 8.84 1.79 6.32
C ASP A 24 8.96 1.24 7.72
N VAL A 25 7.89 0.67 8.30
CA VAL A 25 7.96 -0.03 9.57
C VAL A 25 7.42 -1.48 9.35
N ASN A 26 8.35 -2.43 9.31
CA ASN A 26 8.10 -3.86 9.02
C ASN A 26 7.22 -4.02 7.75
N CYS A 27 7.50 -3.26 6.72
CA CYS A 27 6.69 -3.21 5.50
C CYS A 27 7.32 -2.18 4.53
N PRO A 28 7.85 -2.63 3.38
CA PRO A 28 8.41 -1.69 2.42
C PRO A 28 7.41 -0.85 1.62
N PHE A 29 6.12 -1.12 1.69
CA PHE A 29 5.17 -0.38 0.89
C PHE A 29 4.13 0.30 1.76
N GLU A 30 3.31 1.08 1.09
CA GLU A 30 2.20 1.78 1.67
C GLU A 30 1.00 0.86 1.74
N ILE A 31 0.48 0.71 2.94
CA ILE A 31 -0.57 -0.28 3.10
C ILE A 31 -1.90 0.39 2.71
N LYS A 32 -2.79 -0.30 1.98
CA LYS A 32 -4.13 0.16 1.65
C LYS A 32 -5.17 -0.89 1.94
N ARG A 33 -4.76 -2.14 2.06
CA ARG A 33 -5.74 -3.17 2.29
C ARG A 33 -5.11 -4.30 3.11
N ILE A 34 -5.93 -4.96 3.94
CA ILE A 34 -5.50 -6.06 4.84
C ILE A 34 -6.54 -7.09 4.60
N PHE A 35 -6.14 -8.34 4.64
CA PHE A 35 -7.11 -9.39 4.84
C PHE A 35 -6.49 -10.56 5.57
N TYR A 36 -7.36 -11.34 6.17
CA TYR A 36 -6.99 -12.53 6.86
C TYR A 36 -7.93 -13.70 6.48
N ILE A 37 -7.38 -14.91 6.55
CA ILE A 37 -7.97 -16.15 6.05
C ILE A 37 -7.84 -17.18 7.16
N TYR A 38 -8.92 -17.90 7.43
CA TYR A 38 -9.00 -18.76 8.61
C TYR A 38 -10.02 -19.86 8.39
N ASP A 39 -10.23 -20.71 9.40
CA ASP A 39 -11.19 -21.85 9.34
C ASP A 39 -10.93 -22.72 8.11
N PHE A 40 -9.67 -23.12 7.98
CA PHE A 40 -9.29 -23.93 6.86
C PHE A 40 -9.66 -25.40 7.04
N LEU A 41 -10.19 -26.02 6.00
CA LEU A 41 -10.36 -27.49 5.99
C LEU A 41 -9.12 -28.15 5.39
N ASP A 42 -9.14 -29.47 5.53
CA ASP A 42 -8.03 -30.40 5.27
C ASP A 42 -7.29 -30.20 3.95
N ASP A 43 -8.02 -29.93 2.88
CA ASP A 43 -7.37 -29.74 1.58
C ASP A 43 -7.62 -28.33 1.01
N SER A 44 -7.57 -27.32 1.88
CA SER A 44 -7.76 -25.95 1.41
C SER A 44 -6.50 -25.56 0.62
N ILE A 45 -6.71 -24.93 -0.52
CA ILE A 45 -5.67 -24.29 -1.27
C ILE A 45 -6.16 -22.89 -1.61
N ARG A 46 -5.26 -21.92 -1.53
CA ARG A 46 -5.57 -20.55 -1.85
C ARG A 46 -4.54 -20.12 -2.85
N GLY A 47 -4.85 -19.05 -3.56
CA GLY A 47 -3.95 -18.46 -4.54
C GLY A 47 -4.26 -19.05 -5.91
N ASP A 48 -3.24 -19.57 -6.60
CA ASP A 48 -3.33 -19.88 -8.04
C ASP A 48 -3.58 -18.71 -8.93
N HIS A 49 -2.92 -17.61 -8.64
CA HIS A 49 -2.90 -16.49 -9.55
C HIS A 49 -1.67 -15.65 -9.29
N ALA A 50 -1.35 -14.79 -10.24
CA ALA A 50 -0.42 -13.70 -10.02
C ALA A 50 -1.18 -12.43 -10.10
N ASN A 51 -0.54 -11.35 -9.66
CA ASN A 51 -1.19 -10.06 -9.62
C ASN A 51 -0.27 -9.08 -10.30
N LEU A 52 -0.85 -8.23 -11.17
CA LEU A 52 -0.07 -7.28 -11.95
C LEU A 52 0.52 -6.19 -11.10
N ASN A 53 -0.21 -5.79 -10.07
CA ASN A 53 0.25 -4.59 -9.38
C ASN A 53 0.55 -4.77 -7.88
N SER A 54 -0.22 -5.59 -7.20
CA SER A 54 -0.14 -5.67 -5.74
C SER A 54 1.12 -6.40 -5.30
N GLU A 55 1.90 -5.77 -4.41
CA GLU A 55 2.90 -6.43 -3.56
C GLU A 55 2.24 -6.97 -2.29
N PHE A 56 2.76 -8.07 -1.74
CA PHE A 56 2.11 -8.74 -0.60
C PHE A 56 3.11 -9.04 0.53
N ILE A 57 2.64 -8.97 1.76
CA ILE A 57 3.33 -9.60 2.87
C ILE A 57 2.34 -10.55 3.50
N PHE A 58 2.77 -11.81 3.61
CA PHE A 58 2.02 -12.91 4.24
C PHE A 58 2.58 -13.26 5.61
N ILE A 59 1.73 -13.33 6.62
CA ILE A 59 2.18 -13.51 8.00
C ILE A 59 1.26 -14.55 8.64
N ALA A 60 1.82 -15.64 9.18
CA ALA A 60 0.99 -16.53 9.91
C ALA A 60 0.86 -16.05 11.34
N LEU A 61 -0.33 -15.64 11.71
CA LEU A 61 -0.52 -15.07 13.04
C LEU A 61 -0.83 -16.13 14.05
N ASN A 62 -1.49 -17.17 13.59
CA ASN A 62 -1.54 -18.39 14.39
C ASN A 62 -1.37 -19.58 13.47
N GLY A 63 -0.90 -20.69 14.03
CA GLY A 63 -0.63 -21.89 13.24
C GLY A 63 0.33 -21.65 12.09
N SER A 64 0.14 -22.29 10.97
CA SER A 64 1.20 -22.25 10.00
C SER A 64 0.63 -22.73 8.67
N CYS A 65 1.36 -22.47 7.60
CA CYS A 65 0.99 -22.97 6.31
C CYS A 65 2.23 -22.96 5.49
N GLU A 66 2.04 -23.51 4.29
CA GLU A 66 3.02 -23.44 3.23
C GLU A 66 2.68 -22.56 2.04
N ILE A 67 3.72 -21.96 1.45
CA ILE A 67 3.51 -21.22 0.22
C ILE A 67 4.57 -21.49 -0.81
N LEU A 68 4.10 -21.76 -2.03
CA LEU A 68 4.94 -21.99 -3.22
C LEU A 68 4.86 -20.77 -4.12
N ILE A 69 5.98 -20.11 -4.36
CA ILE A 69 6.00 -18.87 -5.14
C ILE A 69 6.81 -19.20 -6.38
N ASP A 70 6.63 -18.45 -7.45
CA ASP A 70 7.08 -18.86 -8.79
C ASP A 70 7.10 -17.66 -9.69
N ASP A 71 8.28 -17.36 -10.23
CA ASP A 71 8.44 -16.20 -11.05
C ASP A 71 8.55 -16.49 -12.56
N GLY A 72 8.17 -17.70 -12.98
CA GLY A 72 8.42 -18.15 -14.34
C GLY A 72 9.78 -18.79 -14.54
N LYS A 73 10.80 -18.39 -13.78
CA LYS A 73 12.17 -18.88 -13.95
C LYS A 73 12.48 -19.86 -12.82
N THR A 74 12.31 -19.48 -11.56
CA THR A 74 12.48 -20.42 -10.43
C THR A 74 11.28 -20.48 -9.48
N LYS A 75 11.27 -21.54 -8.65
CA LYS A 75 10.25 -21.75 -7.60
C LYS A 75 10.88 -21.86 -6.20
N GLN A 76 10.10 -21.50 -5.19
CA GLN A 76 10.49 -21.62 -3.80
C GLN A 76 9.31 -21.99 -2.97
N LYS A 77 9.59 -22.87 -2.00
CA LYS A 77 8.64 -23.21 -0.94
C LYS A 77 9.03 -22.46 0.29
N ILE A 78 8.02 -21.93 0.97
CA ILE A 78 8.25 -21.14 2.19
C ILE A 78 7.28 -21.59 3.25
N ILE A 79 7.82 -21.70 4.47
CA ILE A 79 6.98 -22.01 5.59
C ILE A 79 6.67 -20.71 6.33
N LEU A 80 5.39 -20.54 6.70
CA LEU A 80 5.02 -19.44 7.59
C LEU A 80 4.38 -19.97 8.85
N ASN A 81 5.00 -19.63 9.96
CA ASN A 81 4.56 -20.14 11.23
C ASN A 81 4.95 -19.27 12.42
N ASN A 82 5.16 -17.97 12.21
CA ASN A 82 5.84 -17.17 13.21
C ASN A 82 5.34 -15.71 13.12
N LYS A 83 4.97 -15.14 14.27
CA LYS A 83 4.46 -13.78 14.27
C LYS A 83 5.52 -12.72 14.03
N THR A 84 6.80 -13.06 14.08
CA THR A 84 7.87 -12.12 13.79
C THR A 84 8.51 -12.32 12.44
N LYS A 85 7.94 -13.20 11.64
CA LYS A 85 8.37 -13.39 10.24
C LYS A 85 7.27 -13.20 9.20
N GLY A 86 7.66 -12.60 8.09
CA GLY A 86 6.79 -12.48 6.97
C GLY A 86 7.51 -12.74 5.68
N LEU A 87 6.70 -13.18 4.74
CA LEU A 87 7.14 -13.33 3.37
C LEU A 87 6.62 -12.15 2.55
N TYR A 88 7.55 -11.44 1.96
CA TYR A 88 7.28 -10.30 1.09
C TYR A 88 7.44 -10.85 -0.32
N ILE A 89 6.43 -10.64 -1.19
CA ILE A 89 6.65 -10.81 -2.64
C ILE A 89 6.27 -9.56 -3.45
N ASP A 90 7.06 -9.32 -4.49
CA ASP A 90 6.80 -8.25 -5.44
C ASP A 90 5.60 -8.69 -6.27
N LYS A 91 5.11 -7.75 -7.07
CA LYS A 91 4.08 -8.02 -8.05
C LYS A 91 4.58 -9.06 -9.05
N MET A 92 3.64 -9.66 -9.78
CA MET A 92 4.01 -10.58 -10.88
C MET A 92 4.80 -11.79 -10.38
N ILE A 93 4.34 -12.33 -9.25
CA ILE A 93 4.84 -13.59 -8.69
C ILE A 93 3.65 -14.48 -8.43
N TRP A 94 3.66 -15.68 -8.98
CA TRP A 94 2.57 -16.63 -8.89
C TRP A 94 2.71 -17.31 -7.53
N LYS A 95 1.59 -17.67 -6.93
CA LYS A 95 1.69 -18.22 -5.61
C LYS A 95 0.52 -19.13 -5.39
N GLN A 96 0.77 -20.17 -4.60
CA GLN A 96 -0.27 -21.02 -4.00
C GLN A 96 0.07 -21.27 -2.54
N MET A 97 -0.98 -21.39 -1.77
CA MET A 97 -0.89 -21.56 -0.36
C MET A 97 -1.71 -22.78 -0.01
N TYR A 98 -1.16 -23.58 0.89
CA TYR A 98 -1.77 -24.88 1.17
C TYR A 98 -1.12 -25.42 2.43
N ASN A 99 -1.55 -26.60 2.82
CA ASN A 99 -1.03 -27.30 4.03
C ASN A 99 -1.13 -26.42 5.27
N PHE A 100 -2.33 -25.88 5.39
CA PHE A 100 -2.73 -24.99 6.47
C PHE A 100 -2.93 -25.78 7.75
N SER A 101 -2.36 -25.42 8.89
CA SER A 101 -2.84 -26.03 10.14
C SER A 101 -4.34 -25.76 10.35
N LYS A 102 -4.90 -26.57 11.24
CA LYS A 102 -6.32 -26.45 11.60
C LYS A 102 -6.63 -25.05 12.19
N ASP A 103 -5.64 -24.51 12.91
CA ASP A 103 -5.84 -23.30 13.67
C ASP A 103 -5.20 -22.10 12.94
N CYS A 104 -4.80 -22.25 11.66
CA CYS A 104 -3.99 -21.24 11.00
C CYS A 104 -4.87 -19.96 10.88
N ILE A 105 -4.28 -18.80 11.14
CA ILE A 105 -4.86 -17.52 10.71
C ILE A 105 -3.79 -16.84 9.91
N LEU A 106 -4.04 -16.58 8.63
CA LEU A 106 -3.10 -15.94 7.73
C LEU A 106 -3.46 -14.49 7.51
N LEU A 107 -2.50 -13.59 7.73
CA LEU A 107 -2.74 -12.17 7.61
C LEU A 107 -1.95 -11.77 6.43
N VAL A 108 -2.61 -11.05 5.51
CA VAL A 108 -1.95 -10.53 4.33
C VAL A 108 -2.06 -9.03 4.26
N LEU A 109 -0.95 -8.35 3.96
CA LEU A 109 -0.93 -6.88 3.86
C LEU A 109 -0.66 -6.60 2.35
N THR A 110 -1.33 -5.60 1.78
CA THR A 110 -1.06 -5.17 0.40
C THR A 110 -1.22 -3.65 0.21
N ASN A 111 -0.63 -3.19 -0.89
CA ASN A 111 -0.62 -1.82 -1.34
C ASN A 111 -1.65 -1.34 -2.37
N THR A 112 -2.74 -2.08 -2.57
CA THR A 112 -3.75 -1.75 -3.57
C THR A 112 -5.11 -2.08 -3.05
N TYR A 113 -6.05 -1.35 -3.61
CA TYR A 113 -7.43 -1.69 -3.39
C TYR A 113 -7.68 -2.91 -4.20
N TYR A 114 -8.63 -3.74 -3.78
CA TYR A 114 -8.92 -4.94 -4.50
C TYR A 114 -9.38 -4.61 -5.96
N ASP A 115 -8.86 -5.30 -6.97
CA ASP A 115 -9.21 -5.04 -8.37
C ASP A 115 -9.12 -6.40 -9.05
N GLU A 116 -10.26 -7.03 -9.27
CA GLU A 116 -10.37 -8.31 -10.05
C GLU A 116 -9.60 -8.23 -11.39
N LYS A 117 -9.43 -7.01 -11.89
CA LYS A 117 -8.83 -6.86 -13.19
C LYS A 117 -7.31 -6.91 -13.23
N GLU A 118 -6.64 -6.91 -12.06
CA GLU A 118 -5.16 -7.02 -12.01
C GLU A 118 -4.72 -8.48 -11.95
N TYR A 119 -5.65 -9.40 -11.92
CA TYR A 119 -5.33 -10.79 -11.76
C TYR A 119 -5.00 -11.49 -13.06
N ILE A 120 -4.08 -12.44 -12.95
CA ILE A 120 -3.71 -13.31 -14.04
C ILE A 120 -3.98 -14.68 -13.54
N TYR A 121 -5.00 -15.34 -14.08
CA TYR A 121 -5.32 -16.72 -13.72
C TYR A 121 -4.81 -17.80 -14.64
N ASP A 122 -4.21 -17.40 -15.75
CA ASP A 122 -3.68 -18.32 -16.74
C ASP A 122 -2.17 -18.38 -16.66
N TYR A 123 -1.66 -19.55 -16.27
CA TYR A 123 -0.25 -19.70 -15.97
C TYR A 123 0.63 -19.51 -17.20
N LYS A 124 0.17 -19.99 -18.34
CA LYS A 124 0.95 -19.86 -19.56
C LYS A 124 1.16 -18.40 -19.95
N TYR A 125 0.10 -17.61 -19.86
CA TYR A 125 0.24 -16.18 -20.00
C TYR A 125 1.24 -15.58 -19.02
N PHE A 126 1.07 -15.90 -17.73
CA PHE A 126 2.04 -15.45 -16.70
C PHE A 126 3.46 -15.72 -17.15
N CYS A 127 3.71 -16.96 -17.55
CA CYS A 127 5.09 -17.32 -17.94
C CYS A 127 5.56 -16.65 -19.24
N GLU A 128 4.65 -16.49 -20.18
CA GLU A 128 4.95 -15.64 -21.34
C GLU A 128 5.31 -14.23 -20.85
N LEU A 129 4.49 -13.66 -19.96
CA LEU A 129 4.84 -12.32 -19.45
C LEU A 129 6.20 -12.26 -18.76
N LYS A 130 6.61 -13.31 -18.04
CA LYS A 130 7.88 -13.18 -17.30
C LYS A 130 9.12 -13.43 -18.15
N ASN A 131 8.97 -14.19 -19.23
CA ASN A 131 10.12 -14.77 -19.96
C ASN A 131 10.34 -14.31 -21.39
N ASN A 132 9.27 -14.21 -22.17
CA ASN A 132 9.31 -13.71 -23.56
C ASN A 132 10.22 -12.49 -23.73
N ILE A 133 11.30 -12.71 -24.49
CA ILE A 133 12.41 -11.76 -24.62
C ILE A 133 12.13 -10.75 -25.73
N VAL A 134 11.16 -11.05 -26.61
CA VAL A 134 10.63 -10.02 -27.52
C VAL A 134 10.21 -8.83 -26.65
N TRP A 135 9.31 -9.05 -25.70
CA TRP A 135 8.69 -7.96 -24.97
C TRP A 135 9.13 -7.85 -23.50
N MET B 1 -19.79 10.36 22.47
CA MET B 1 -19.43 8.94 22.19
C MET B 1 -19.86 8.59 20.77
N ASN B 2 -18.91 8.14 19.96
CA ASN B 2 -19.23 7.64 18.63
C ASN B 2 -18.42 6.37 18.38
N TYR B 3 -19.09 5.23 18.40
CA TYR B 3 -18.49 3.97 18.13
C TYR B 3 -19.53 3.06 17.48
N THR B 4 -19.07 1.96 16.88
CA THR B 4 -19.98 0.98 16.26
C THR B 4 -19.40 -0.42 16.32
N ILE B 5 -20.20 -1.35 16.80
CA ILE B 5 -19.88 -2.76 16.70
C ILE B 5 -20.24 -3.19 15.28
N LEU B 6 -19.22 -3.37 14.44
CA LEU B 6 -19.38 -3.90 13.09
C LEU B 6 -19.55 -5.40 13.06
N LYS B 7 -20.41 -5.84 12.15
CA LYS B 7 -20.51 -7.23 11.75
C LYS B 7 -19.86 -7.30 10.36
N PHE B 8 -18.77 -8.07 10.23
CA PHE B 8 -18.03 -8.11 8.96
C PHE B 8 -18.71 -8.99 7.91
N LYS B 9 -18.64 -8.54 6.66
CA LYS B 9 -19.01 -9.41 5.55
C LYS B 9 -17.79 -10.31 5.27
N THR B 10 -18.00 -11.62 5.36
CA THR B 10 -17.00 -12.65 5.06
C THR B 10 -17.18 -13.29 3.69
N ILE B 11 -16.07 -13.63 3.04
CA ILE B 11 -16.07 -14.40 1.80
C ILE B 11 -15.72 -15.87 2.04
N ASN B 12 -16.74 -16.70 1.92
CA ASN B 12 -16.66 -18.13 2.23
C ASN B 12 -16.38 -18.96 1.00
N SER B 13 -15.17 -19.44 0.81
CA SER B 13 -14.78 -20.07 -0.45
C SER B 13 -13.44 -20.81 -0.32
N LYS B 14 -13.20 -21.73 -1.22
CA LYS B 14 -12.03 -22.57 -1.12
C LYS B 14 -11.81 -23.18 0.26
N ASN B 15 -12.86 -23.74 0.84
CA ASN B 15 -12.76 -24.44 2.11
C ASN B 15 -12.19 -23.58 3.26
N SER B 16 -12.47 -22.27 3.21
CA SER B 16 -11.97 -21.34 4.21
C SER B 16 -12.79 -20.06 4.23
N ILE B 17 -12.40 -19.14 5.12
CA ILE B 17 -13.05 -17.84 5.24
C ILE B 17 -12.05 -16.73 5.15
N LEU B 18 -12.38 -15.77 4.30
CA LEU B 18 -11.57 -14.59 4.04
C LEU B 18 -12.32 -13.37 4.54
N ASN B 19 -11.65 -12.51 5.33
CA ASN B 19 -12.18 -11.20 5.76
C ASN B 19 -11.34 -10.10 5.19
N VAL B 20 -11.96 -9.24 4.38
CA VAL B 20 -11.20 -8.16 3.75
C VAL B 20 -11.45 -6.81 4.42
N HIS B 21 -10.42 -6.00 4.56
CA HIS B 21 -10.57 -4.66 5.10
C HIS B 21 -9.80 -3.66 4.26
N GLN B 22 -10.56 -2.68 3.78
CA GLN B 22 -10.02 -1.51 3.10
C GLN B 22 -11.09 -0.40 3.14
N LYS B 23 -10.74 0.81 2.73
CA LYS B 23 -11.76 1.88 2.61
C LYS B 23 -13.06 1.32 1.97
N ASP B 24 -14.12 1.36 2.74
CA ASP B 24 -15.48 1.03 2.36
C ASP B 24 -15.78 -0.45 2.19
N VAL B 25 -14.87 -1.27 2.67
CA VAL B 25 -15.10 -2.71 2.83
C VAL B 25 -14.71 -3.10 4.24
N ASN B 26 -15.72 -3.35 5.05
CA ASN B 26 -15.55 -3.65 6.43
C ASN B 26 -14.61 -2.63 7.12
N CYS B 27 -14.70 -1.36 6.75
CA CYS B 27 -13.87 -0.34 7.37
C CYS B 27 -14.26 0.98 6.74
N PRO B 28 -14.44 2.05 7.54
CA PRO B 28 -14.98 3.28 6.97
C PRO B 28 -13.91 4.26 6.64
N PHE B 29 -12.66 3.92 6.94
CA PHE B 29 -11.55 4.84 6.68
C PHE B 29 -10.52 4.24 5.72
N GLU B 30 -9.61 5.08 5.28
CA GLU B 30 -8.47 4.68 4.53
C GLU B 30 -7.44 4.07 5.51
N ILE B 31 -7.10 2.79 5.35
CA ILE B 31 -6.06 2.13 6.14
C ILE B 31 -4.70 2.59 5.67
N LYS B 32 -3.85 2.88 6.65
CA LYS B 32 -2.44 3.26 6.49
C LYS B 32 -1.46 2.45 7.42
N ARG B 33 -1.98 1.88 8.49
CA ARG B 33 -1.21 1.13 9.46
C ARG B 33 -2.08 0.09 10.16
N ILE B 34 -1.45 -1.02 10.50
CA ILE B 34 -2.11 -2.15 11.18
C ILE B 34 -1.16 -2.47 12.31
N PHE B 35 -1.66 -2.93 13.44
CA PHE B 35 -0.80 -3.58 14.41
C PHE B 35 -1.56 -4.64 15.16
N TYR B 36 -0.81 -5.56 15.77
CA TYR B 36 -1.43 -6.65 16.52
C TYR B 36 -0.59 -6.87 17.77
N ILE B 37 -1.33 -7.27 18.80
CA ILE B 37 -0.84 -7.41 20.15
C ILE B 37 -1.20 -8.82 20.62
N TYR B 38 -0.24 -9.43 21.30
CA TYR B 38 -0.37 -10.85 21.63
C TYR B 38 0.56 -11.23 22.80
N ASP B 39 0.47 -12.49 23.22
CA ASP B 39 1.26 -13.10 24.31
C ASP B 39 1.04 -12.39 25.62
N PHE B 40 -0.24 -12.23 25.95
CA PHE B 40 -0.64 -11.45 27.09
C PHE B 40 -0.43 -12.29 28.34
N LEU B 41 0.18 -11.70 29.37
CA LEU B 41 0.23 -12.35 30.69
C LEU B 41 -0.99 -11.87 31.48
N ASP B 42 -1.19 -12.44 32.66
CA ASP B 42 -2.51 -12.42 33.37
C ASP B 42 -3.28 -11.11 33.54
N ASP B 43 -2.51 -10.10 33.86
CA ASP B 43 -2.94 -8.84 34.42
C ASP B 43 -2.70 -7.71 33.42
N SER B 44 -2.38 -8.07 32.18
CA SER B 44 -1.89 -7.13 31.18
C SER B 44 -2.99 -6.12 30.88
N ILE B 45 -2.60 -4.88 30.70
CA ILE B 45 -3.51 -3.79 30.34
C ILE B 45 -2.92 -2.95 29.21
N ARG B 46 -3.72 -2.62 28.19
CA ARG B 46 -3.20 -1.75 27.12
C ARG B 46 -4.09 -0.54 27.03
N GLY B 47 -3.61 0.40 26.25
CA GLY B 47 -4.27 1.67 26.06
C GLY B 47 -3.89 2.66 27.14
N ASP B 48 -4.90 3.21 27.82
CA ASP B 48 -4.71 4.37 28.69
C ASP B 48 -4.28 5.63 27.93
N HIS B 49 -4.95 5.90 26.82
CA HIS B 49 -4.71 7.15 26.12
C HIS B 49 -5.82 7.38 25.12
N ALA B 50 -5.86 8.59 24.59
CA ALA B 50 -6.72 8.96 23.48
C ALA B 50 -5.83 9.49 22.42
N ASN B 51 -6.40 9.51 21.22
CA ASN B 51 -5.66 9.92 20.04
C ASN B 51 -6.43 11.02 19.32
N LEU B 52 -5.68 12.10 19.03
CA LEU B 52 -6.24 13.33 18.46
C LEU B 52 -6.76 13.19 17.02
N ASN B 53 -6.05 12.43 16.21
CA ASN B 53 -6.43 12.19 14.81
C ASN B 53 -6.96 10.81 14.40
N SER B 54 -6.45 9.75 15.01
CA SER B 54 -6.64 8.41 14.48
C SER B 54 -8.02 7.91 14.89
N GLU B 55 -8.61 7.23 13.93
CA GLU B 55 -9.69 6.29 14.16
C GLU B 55 -9.14 4.84 14.13
N PHE B 56 -9.92 3.94 14.70
CA PHE B 56 -9.49 2.58 14.99
C PHE B 56 -10.62 1.61 14.70
N ILE B 57 -10.27 0.42 14.18
CA ILE B 57 -11.07 -0.79 14.44
C ILE B 57 -10.28 -1.87 15.19
N PHE B 58 -10.88 -2.41 16.23
CA PHE B 58 -10.27 -3.39 17.12
C PHE B 58 -10.98 -4.73 16.83
N ILE B 59 -10.19 -5.78 16.67
CA ILE B 59 -10.71 -7.12 16.37
C ILE B 59 -9.93 -8.12 17.20
N ALA B 60 -10.67 -8.98 17.92
CA ALA B 60 -10.07 -10.14 18.53
C ALA B 60 -10.01 -11.25 17.50
N LEU B 61 -8.89 -11.41 16.83
CA LEU B 61 -8.69 -12.47 15.87
C LEU B 61 -8.62 -13.81 16.51
N ASN B 62 -8.10 -13.85 17.73
CA ASN B 62 -8.22 -15.06 18.49
C ASN B 62 -8.48 -14.73 19.95
N GLY B 63 -9.11 -15.63 20.67
CA GLY B 63 -9.48 -15.37 22.05
C GLY B 63 -10.45 -14.21 22.24
N SER B 64 -10.27 -13.54 23.38
CA SER B 64 -11.20 -12.50 23.76
C SER B 64 -10.49 -11.51 24.67
N CYS B 65 -11.04 -10.31 24.68
CA CYS B 65 -10.60 -9.32 25.64
C CYS B 65 -11.78 -8.35 25.83
N GLU B 66 -11.61 -7.38 26.73
CA GLU B 66 -12.62 -6.40 27.08
C GLU B 66 -12.00 -5.04 26.82
N ILE B 67 -12.79 -4.15 26.27
CA ILE B 67 -12.37 -2.77 26.13
C ILE B 67 -13.31 -1.78 26.81
N LEU B 68 -12.73 -0.80 27.50
CA LEU B 68 -13.52 0.32 28.05
C LEU B 68 -13.17 1.51 27.21
N ILE B 69 -14.21 2.20 26.72
CA ILE B 69 -14.05 3.45 25.99
C ILE B 69 -14.78 4.59 26.75
N ASP B 70 -14.29 5.80 26.57
CA ASP B 70 -14.69 6.95 27.41
C ASP B 70 -14.64 8.21 26.61
N ASP B 71 -15.79 8.89 26.53
CA ASP B 71 -15.87 10.17 25.80
C ASP B 71 -15.62 11.42 26.68
N GLY B 72 -15.08 11.25 27.90
CA GLY B 72 -14.91 12.38 28.83
C GLY B 72 -16.11 12.61 29.72
N LYS B 73 -17.28 12.09 29.35
CA LYS B 73 -18.50 12.23 30.12
C LYS B 73 -19.14 10.90 30.47
N THR B 74 -18.97 9.89 29.63
CA THR B 74 -19.53 8.56 29.82
C THR B 74 -18.52 7.52 29.40
N LYS B 75 -18.74 6.32 29.87
CA LYS B 75 -17.90 5.23 29.52
C LYS B 75 -18.73 3.98 29.20
N GLN B 76 -18.11 3.07 28.47
CA GLN B 76 -18.80 1.93 27.92
C GLN B 76 -17.78 0.78 27.86
N LYS B 77 -18.21 -0.41 28.29
CA LYS B 77 -17.40 -1.64 28.21
C LYS B 77 -17.97 -2.61 27.18
N ILE B 78 -17.08 -3.18 26.38
CA ILE B 78 -17.41 -4.07 25.27
C ILE B 78 -16.47 -5.28 25.30
N ILE B 79 -17.04 -6.45 25.05
CA ILE B 79 -16.25 -7.64 24.88
C ILE B 79 -15.97 -7.92 23.41
N LEU B 80 -14.69 -8.14 23.07
CA LEU B 80 -14.29 -8.58 21.74
C LEU B 80 -13.91 -10.05 21.85
N ASN B 81 -14.60 -10.91 21.10
CA ASN B 81 -14.35 -12.34 21.15
C ASN B 81 -14.61 -13.15 19.89
N ASN B 82 -14.84 -12.54 18.75
CA ASN B 82 -14.74 -13.33 17.54
C ASN B 82 -14.37 -12.54 16.30
N LYS B 83 -14.00 -13.29 15.27
CA LYS B 83 -13.39 -12.75 14.05
C LYS B 83 -14.34 -12.06 13.11
N THR B 84 -15.65 -12.14 13.37
CA THR B 84 -16.62 -11.52 12.45
C THR B 84 -17.14 -10.18 12.89
N LYS B 85 -16.57 -9.69 13.97
CA LYS B 85 -17.01 -8.46 14.61
C LYS B 85 -15.77 -7.65 15.03
N GLY B 86 -15.92 -6.35 14.92
CA GLY B 86 -14.96 -5.44 15.50
C GLY B 86 -15.63 -4.20 16.02
N LEU B 87 -14.85 -3.48 16.81
CA LEU B 87 -15.26 -2.22 17.39
C LEU B 87 -14.58 -1.10 16.67
N TYR B 88 -15.37 -0.35 15.91
CA TYR B 88 -14.98 0.97 15.39
C TYR B 88 -15.13 2.06 16.46
N ILE B 89 -14.10 2.87 16.66
CA ILE B 89 -14.25 4.08 17.45
C ILE B 89 -13.72 5.24 16.69
N ASP B 90 -14.35 6.39 16.91
CA ASP B 90 -13.90 7.63 16.23
C ASP B 90 -12.71 8.21 17.00
N LYS B 91 -12.12 9.26 16.46
CA LYS B 91 -11.00 9.90 17.17
C LYS B 91 -11.36 10.56 18.53
N MET B 92 -10.36 10.81 19.37
CA MET B 92 -10.59 11.47 20.67
C MET B 92 -11.58 10.66 21.45
N ILE B 93 -11.29 9.37 21.50
CA ILE B 93 -11.97 8.57 22.46
C ILE B 93 -10.91 7.85 23.27
N TRP B 94 -11.01 7.96 24.58
CA TRP B 94 -10.05 7.33 25.47
C TRP B 94 -10.42 5.85 25.58
N LYS B 95 -9.40 5.02 25.68
CA LYS B 95 -9.62 3.59 25.77
C LYS B 95 -8.60 2.90 26.65
N GLN B 96 -9.06 1.84 27.26
CA GLN B 96 -8.25 0.90 27.98
C GLN B 96 -8.71 -0.56 27.72
N MET B 97 -7.76 -1.48 27.54
CA MET B 97 -8.05 -2.89 27.30
C MET B 97 -7.43 -3.81 28.29
N TYR B 98 -8.18 -4.83 28.66
CA TYR B 98 -7.83 -5.64 29.79
C TYR B 98 -8.61 -6.95 29.66
N ASN B 99 -8.36 -7.83 30.61
CA ASN B 99 -9.00 -9.13 30.70
C ASN B 99 -8.70 -9.94 29.46
N PHE B 100 -7.46 -9.89 29.00
CA PHE B 100 -7.12 -10.64 27.79
C PHE B 100 -7.01 -12.14 28.08
N SER B 101 -7.60 -13.01 27.28
CA SER B 101 -7.22 -14.41 27.35
C SER B 101 -5.75 -14.64 26.94
N LYS B 102 -5.17 -15.76 27.35
CA LYS B 102 -3.75 -16.06 27.12
C LYS B 102 -3.49 -16.22 25.64
N ASP B 103 -4.46 -16.76 24.92
CA ASP B 103 -4.42 -16.93 23.48
C ASP B 103 -4.97 -15.73 22.68
N CYS B 104 -5.31 -14.62 23.33
CA CYS B 104 -5.85 -13.47 22.65
C CYS B 104 -4.83 -12.95 21.62
N ILE B 105 -5.29 -12.70 20.41
CA ILE B 105 -4.56 -11.88 19.45
C ILE B 105 -5.45 -10.72 19.07
N LEU B 106 -4.94 -9.52 19.31
CA LEU B 106 -5.74 -8.31 19.08
C LEU B 106 -5.18 -7.65 17.85
N LEU B 107 -6.02 -7.48 16.83
CA LEU B 107 -5.65 -6.73 15.65
C LEU B 107 -6.37 -5.37 15.64
N VAL B 108 -5.61 -4.36 15.24
CA VAL B 108 -6.05 -2.98 15.11
C VAL B 108 -5.75 -2.39 13.76
N LEU B 109 -6.76 -1.78 13.17
CA LEU B 109 -6.61 -1.01 11.93
C LEU B 109 -6.77 0.48 12.26
N THR B 110 -5.97 1.30 11.60
CA THR B 110 -6.04 2.73 11.75
C THR B 110 -5.66 3.47 10.44
N ASN B 111 -6.09 4.71 10.42
CA ASN B 111 -5.98 5.58 9.23
C ASN B 111 -4.79 6.53 9.30
N THR B 112 -3.84 6.34 10.22
CA THR B 112 -2.68 7.23 10.24
C THR B 112 -1.39 6.51 10.37
N TYR B 113 -0.28 7.18 10.02
CA TYR B 113 1.01 6.76 10.47
C TYR B 113 1.19 6.95 11.98
N TYR B 114 2.08 6.19 12.61
CA TYR B 114 2.30 6.34 14.03
C TYR B 114 2.80 7.77 14.33
N ASP B 115 2.28 8.40 15.39
CA ASP B 115 2.68 9.77 15.70
C ASP B 115 2.52 10.01 17.19
N GLU B 116 3.66 10.02 17.87
CA GLU B 116 3.69 10.31 19.28
C GLU B 116 2.96 11.62 19.67
N LYS B 117 2.93 12.61 18.75
CA LYS B 117 2.38 13.91 19.09
C LYS B 117 0.87 13.85 19.00
N GLU B 118 0.28 12.68 18.70
CA GLU B 118 -1.16 12.64 18.66
C GLU B 118 -1.80 12.05 19.87
N TYR B 119 -0.95 11.64 20.78
CA TYR B 119 -1.40 10.93 21.97
C TYR B 119 -1.71 11.89 23.10
N ILE B 120 -2.82 11.61 23.77
CA ILE B 120 -3.10 12.20 25.04
C ILE B 120 -3.12 11.11 26.10
N TYR B 121 -2.11 11.16 26.97
CA TYR B 121 -1.94 10.22 28.05
C TYR B 121 -2.51 10.68 29.39
N ASP B 122 -2.90 11.95 29.46
CA ASP B 122 -3.47 12.44 30.70
C ASP B 122 -4.97 12.67 30.61
N TYR B 123 -5.71 11.84 31.33
CA TYR B 123 -7.17 11.83 31.25
C TYR B 123 -7.79 13.20 31.53
N LYS B 124 -7.28 13.86 32.55
CA LYS B 124 -7.76 15.18 32.96
C LYS B 124 -7.73 16.13 31.76
N TYR B 125 -6.57 16.26 31.11
CA TYR B 125 -6.46 17.07 29.90
C TYR B 125 -7.20 16.49 28.67
N PHE B 126 -7.33 15.17 28.59
CA PHE B 126 -8.25 14.59 27.60
C PHE B 126 -9.65 15.20 27.73
N CYS B 127 -10.18 15.20 28.96
CA CYS B 127 -11.54 15.73 29.21
C CYS B 127 -11.62 17.21 28.86
N GLU B 128 -10.59 17.97 29.19
CA GLU B 128 -10.56 19.41 28.88
C GLU B 128 -10.53 19.63 27.37
N LEU B 129 -9.61 18.96 26.66
CA LEU B 129 -9.53 19.15 25.19
C LEU B 129 -10.84 18.72 24.49
N LYS B 130 -11.39 17.60 24.97
CA LYS B 130 -12.62 17.07 24.38
C LYS B 130 -13.83 17.96 24.68
N ASN B 131 -14.08 18.29 25.96
CA ASN B 131 -15.09 19.31 26.33
C ASN B 131 -14.99 20.63 25.54
N ASN B 132 -13.78 21.07 25.23
CA ASN B 132 -13.56 22.25 24.39
C ASN B 132 -13.96 22.03 22.93
N ILE B 133 -13.56 20.88 22.37
CA ILE B 133 -13.91 20.50 20.99
C ILE B 133 -15.43 20.44 20.81
N VAL B 134 -16.08 19.75 21.76
CA VAL B 134 -17.55 19.57 21.80
C VAL B 134 -18.20 20.96 21.89
N TRP B 135 -17.70 21.79 22.81
CA TRP B 135 -18.03 23.23 22.92
C TRP B 135 -17.95 24.00 21.59
N ARG B 136 -16.86 23.83 20.86
CA ARG B 136 -16.66 24.37 19.48
C ARG B 136 -17.65 24.01 18.36
N GLY B 137 -18.41 22.92 18.51
CA GLY B 137 -19.27 22.36 17.45
C GLY B 137 -18.93 20.98 16.89
N GLY B 138 -17.94 20.31 17.49
CA GLY B 138 -17.45 19.05 16.94
C GLY B 138 -18.20 17.89 17.55
N MET C 1 14.07 18.07 -6.59
CA MET C 1 13.50 19.01 -7.61
C MET C 1 12.08 18.53 -7.78
N ASN C 2 11.30 19.30 -8.53
CA ASN C 2 9.90 18.93 -8.65
C ASN C 2 9.64 17.88 -9.77
N TYR C 3 10.04 16.64 -9.49
CA TYR C 3 9.80 15.49 -10.36
C TYR C 3 9.51 14.22 -9.55
N THR C 4 9.01 13.18 -10.20
CA THR C 4 8.67 11.90 -9.57
C THR C 4 8.79 10.81 -10.64
N ILE C 5 9.25 9.62 -10.29
CA ILE C 5 9.07 8.43 -11.10
C ILE C 5 7.73 7.87 -10.70
N LEU C 6 6.84 7.67 -11.66
CA LEU C 6 5.56 7.02 -11.40
C LEU C 6 5.67 5.57 -11.78
N LYS C 7 4.83 4.74 -11.16
CA LYS C 7 4.76 3.30 -11.37
C LYS C 7 3.30 3.05 -11.66
N PHE C 8 3.00 2.60 -12.89
CA PHE C 8 1.66 2.58 -13.36
C PHE C 8 1.05 1.28 -12.93
N LYS C 9 -0.24 1.36 -12.66
CA LYS C 9 -1.07 0.21 -12.42
C LYS C 9 -1.63 -0.24 -13.79
N THR C 10 -1.67 -1.54 -14.05
CA THR C 10 -2.07 -2.10 -15.31
C THR C 10 -3.22 -3.05 -15.05
N ILE C 11 -3.85 -3.45 -16.11
CA ILE C 11 -5.06 -4.27 -16.10
C ILE C 11 -4.83 -5.43 -17.05
N ASN C 12 -5.50 -6.56 -16.79
CA ASN C 12 -5.46 -7.70 -17.64
C ASN C 12 -6.79 -7.69 -18.40
N SER C 13 -6.77 -7.38 -19.69
CA SER C 13 -7.98 -7.54 -20.51
C SER C 13 -7.84 -8.75 -21.43
N LYS C 14 -8.43 -9.86 -21.02
CA LYS C 14 -8.50 -11.04 -21.86
C LYS C 14 -7.13 -11.37 -22.40
N ASN C 15 -6.22 -11.55 -21.46
CA ASN C 15 -4.85 -11.89 -21.76
C ASN C 15 -4.19 -10.91 -22.66
N SER C 16 -4.45 -9.64 -22.38
CA SER C 16 -3.55 -8.59 -22.85
C SER C 16 -3.38 -7.64 -21.67
N ILE C 17 -2.37 -6.80 -21.72
CA ILE C 17 -2.14 -5.73 -20.75
C ILE C 17 -2.57 -4.33 -21.23
N LEU C 18 -3.32 -3.61 -20.41
CA LEU C 18 -3.90 -2.28 -20.70
C LEU C 18 -3.43 -1.26 -19.63
N ASN C 19 -2.77 -0.16 -20.02
CA ASN C 19 -2.41 0.99 -19.20
C ASN C 19 -3.33 2.17 -19.49
N VAL C 20 -4.17 2.55 -18.54
CA VAL C 20 -5.02 3.72 -18.61
C VAL C 20 -4.39 4.99 -18.00
N HIS C 21 -4.55 6.12 -18.67
CA HIS C 21 -4.13 7.37 -18.14
C HIS C 21 -5.25 8.40 -18.27
N GLN C 22 -5.72 8.91 -17.14
CA GLN C 22 -6.67 10.04 -17.07
C GLN C 22 -6.43 10.72 -15.72
N LYS C 23 -6.98 11.91 -15.49
CA LYS C 23 -6.76 12.58 -14.22
C LYS C 23 -7.01 11.64 -13.04
N ASP C 24 -6.03 11.50 -12.16
CA ASP C 24 -6.10 10.62 -10.97
C ASP C 24 -6.12 9.13 -11.29
N VAL C 25 -5.78 8.71 -12.52
CA VAL C 25 -5.49 7.32 -12.85
C VAL C 25 -4.19 7.33 -13.61
N ASN C 26 -3.14 7.03 -12.86
CA ASN C 26 -1.79 6.97 -13.42
C ASN C 26 -1.36 8.27 -14.07
N CYS C 27 -1.81 9.40 -13.50
CA CYS C 27 -1.50 10.72 -14.05
C CYS C 27 -2.09 11.76 -13.09
N PRO C 28 -1.25 12.63 -12.56
CA PRO C 28 -1.85 13.54 -11.55
C PRO C 28 -2.61 14.76 -12.16
N PHE C 29 -2.55 14.95 -13.46
CA PHE C 29 -3.16 16.13 -14.06
C PHE C 29 -4.19 15.75 -15.14
N GLU C 30 -4.86 16.79 -15.62
CA GLU C 30 -5.93 16.68 -16.58
C GLU C 30 -5.19 16.74 -17.91
N ILE C 31 -5.32 15.62 -18.59
CA ILE C 31 -4.70 15.46 -19.91
C ILE C 31 -5.41 16.35 -20.91
N LYS C 32 -4.68 17.22 -21.62
CA LYS C 32 -5.21 18.00 -22.75
C LYS C 32 -4.55 17.70 -24.11
N ARG C 33 -3.39 17.06 -24.08
CA ARG C 33 -2.59 16.79 -25.24
C ARG C 33 -1.67 15.64 -24.94
N ILE C 34 -1.55 14.75 -25.92
CA ILE C 34 -0.46 13.78 -26.01
C ILE C 34 0.38 13.88 -27.27
N PHE C 35 1.56 13.32 -27.17
CA PHE C 35 2.45 13.23 -28.29
C PHE C 35 3.44 12.12 -28.22
N TYR C 36 3.85 11.59 -29.37
CA TYR C 36 4.82 10.49 -29.38
C TYR C 36 5.88 10.67 -30.40
N ILE C 37 7.03 10.10 -30.09
CA ILE C 37 8.23 10.49 -30.73
C ILE C 37 8.99 9.22 -31.08
N TYR C 38 9.55 9.16 -32.28
CA TYR C 38 10.01 7.87 -32.83
C TYR C 38 10.90 8.14 -34.04
N ASP C 39 11.46 7.08 -34.60
CA ASP C 39 12.43 7.15 -35.71
C ASP C 39 13.57 8.11 -35.52
N PHE C 40 14.29 7.96 -34.41
CA PHE C 40 15.45 8.82 -34.13
C PHE C 40 16.58 8.41 -35.07
N LEU C 41 17.06 9.41 -35.81
CA LEU C 41 18.28 9.33 -36.62
C LEU C 41 19.48 8.73 -35.85
N ASP C 42 19.81 9.34 -34.72
CA ASP C 42 20.93 8.90 -33.92
C ASP C 42 20.63 9.14 -32.44
N ASP C 43 21.61 8.88 -31.58
CA ASP C 43 21.53 9.14 -30.14
C ASP C 43 21.81 10.60 -29.70
N SER C 44 21.91 11.51 -30.67
CA SER C 44 22.00 12.96 -30.46
C SER C 44 20.96 13.54 -29.49
N ILE C 45 21.25 14.75 -29.03
CA ILE C 45 20.54 15.36 -27.90
C ILE C 45 19.33 16.11 -28.43
N ARG C 46 18.15 15.87 -27.85
CA ARG C 46 16.92 16.47 -28.35
C ARG C 46 16.09 17.07 -27.21
N GLY C 47 14.99 17.75 -27.56
CA GLY C 47 14.01 18.29 -26.59
C GLY C 47 14.58 19.36 -25.66
N ASP C 48 15.68 19.96 -26.11
CA ASP C 48 16.62 20.72 -25.30
C ASP C 48 16.15 22.14 -24.88
N HIS C 49 15.23 22.24 -23.91
CA HIS C 49 14.59 23.53 -23.55
C HIS C 49 13.75 23.33 -22.27
N ALA C 50 13.22 24.41 -21.73
CA ALA C 50 12.23 24.33 -20.65
C ALA C 50 10.95 25.01 -21.08
N ASN C 51 9.90 24.78 -20.28
CA ASN C 51 8.55 25.25 -20.48
C ASN C 51 8.03 25.96 -19.22
N LEU C 52 7.32 27.07 -19.40
CA LEU C 52 6.85 27.91 -18.29
C LEU C 52 5.69 27.30 -17.53
N ASN C 53 4.83 26.61 -18.24
CA ASN C 53 3.54 26.20 -17.65
C ASN C 53 3.24 24.73 -17.68
N SER C 54 3.68 24.08 -18.73
CA SER C 54 3.30 22.71 -19.01
C SER C 54 4.05 21.78 -18.00
N GLU C 55 3.29 20.82 -17.48
CA GLU C 55 3.78 19.62 -16.78
C GLU C 55 3.76 18.47 -17.79
N PHE C 56 4.72 17.55 -17.70
CA PHE C 56 4.77 16.34 -18.52
C PHE C 56 4.95 15.00 -17.82
N ILE C 57 4.48 13.96 -18.49
CA ILE C 57 4.88 12.59 -18.17
C ILE C 57 5.48 11.95 -19.43
N PHE C 58 6.74 11.53 -19.33
CA PHE C 58 7.41 10.73 -20.34
C PHE C 58 7.38 9.25 -20.01
N ILE C 59 7.11 8.45 -21.03
CA ILE C 59 7.00 7.01 -20.97
C ILE C 59 7.67 6.41 -22.20
N ALA C 60 8.53 5.42 -21.98
CA ALA C 60 9.14 4.67 -23.07
C ALA C 60 8.19 3.52 -23.43
N LEU C 61 7.40 3.70 -24.49
CA LEU C 61 6.42 2.63 -24.85
C LEU C 61 7.06 1.46 -25.52
N ASN C 62 8.18 1.69 -26.17
CA ASN C 62 8.97 0.62 -26.78
C ASN C 62 10.39 1.14 -26.75
N GLY C 63 11.34 0.20 -26.69
CA GLY C 63 12.77 0.53 -26.64
C GLY C 63 13.12 1.29 -25.37
N SER C 64 14.09 2.18 -25.52
CA SER C 64 14.63 2.86 -24.38
C SER C 64 15.26 4.16 -24.81
N CYS C 65 15.29 5.08 -23.85
CA CYS C 65 16.20 6.22 -23.97
C CYS C 65 16.44 6.74 -22.55
N GLU C 66 17.19 7.82 -22.48
CA GLU C 66 17.48 8.50 -21.22
C GLU C 66 17.11 9.98 -21.27
N ILE C 67 16.50 10.45 -20.20
CA ILE C 67 16.22 11.87 -20.06
C ILE C 67 17.05 12.55 -18.96
N LEU C 68 17.69 13.66 -19.30
CA LEU C 68 18.41 14.48 -18.37
C LEU C 68 17.60 15.72 -18.03
N ILE C 69 17.19 15.84 -16.78
CA ILE C 69 16.46 17.01 -16.29
C ILE C 69 17.37 17.88 -15.44
N ASP C 70 17.06 19.15 -15.32
CA ASP C 70 17.95 20.10 -14.67
C ASP C 70 17.09 21.25 -14.17
N ASP C 71 17.11 21.57 -12.87
CA ASP C 71 16.39 22.74 -12.36
C ASP C 71 17.21 23.99 -12.17
N GLY C 72 18.41 24.04 -12.74
CA GLY C 72 19.29 25.18 -12.54
C GLY C 72 20.39 24.95 -11.55
N LYS C 73 20.18 24.02 -10.63
CA LYS C 73 21.16 23.68 -9.59
C LYS C 73 21.56 22.21 -9.72
N THR C 74 20.56 21.34 -9.70
CA THR C 74 20.73 19.91 -9.75
C THR C 74 20.32 19.33 -11.09
N LYS C 75 21.14 18.42 -11.60
CA LYS C 75 20.77 17.57 -12.72
C LYS C 75 20.47 16.14 -12.29
N GLN C 76 19.55 15.47 -13.01
CA GLN C 76 19.22 14.05 -12.85
C GLN C 76 19.03 13.33 -14.22
N LYS C 77 19.48 12.09 -14.33
CA LYS C 77 19.50 11.32 -15.55
C LYS C 77 18.58 10.15 -15.23
N ILE C 78 17.51 10.01 -16.01
CA ILE C 78 16.46 9.01 -15.79
C ILE C 78 16.39 8.07 -17.00
N ILE C 79 16.40 6.77 -16.75
CA ILE C 79 16.48 5.78 -17.79
C ILE C 79 15.03 5.40 -17.96
N LEU C 80 14.57 5.48 -19.21
CA LEU C 80 13.22 5.03 -19.52
C LEU C 80 13.26 3.85 -20.48
N ASN C 81 12.72 2.73 -20.01
CA ASN C 81 12.87 1.49 -20.72
C ASN C 81 11.81 0.47 -20.44
N ASN C 82 10.70 0.89 -19.89
CA ASN C 82 9.61 -0.03 -19.89
C ASN C 82 8.27 0.70 -19.69
N LYS C 83 7.20 -0.03 -19.86
CA LYS C 83 5.86 0.52 -19.98
C LYS C 83 5.09 0.73 -18.67
N THR C 84 5.68 0.35 -17.53
CA THR C 84 5.02 0.53 -16.22
C THR C 84 5.61 1.72 -15.47
N LYS C 85 6.51 2.44 -16.11
CA LYS C 85 7.31 3.45 -15.45
C LYS C 85 7.24 4.77 -16.24
N GLY C 86 6.93 5.90 -15.59
CA GLY C 86 6.97 7.22 -16.18
C GLY C 86 7.75 8.29 -15.45
N LEU C 87 8.32 9.24 -16.19
CA LEU C 87 8.96 10.39 -15.56
C LEU C 87 7.99 11.58 -15.56
N TYR C 88 7.49 11.96 -14.38
CA TYR C 88 6.70 13.17 -14.15
C TYR C 88 7.67 14.34 -13.98
N ILE C 89 7.52 15.43 -14.75
CA ILE C 89 8.16 16.69 -14.40
C ILE C 89 7.20 17.89 -14.35
N ASP C 90 7.50 18.80 -13.43
CA ASP C 90 6.68 19.99 -13.25
C ASP C 90 7.20 21.01 -14.28
N LYS C 91 6.52 22.13 -14.38
CA LYS C 91 7.02 23.23 -15.22
C LYS C 91 8.38 23.71 -14.74
N MET C 92 9.03 24.45 -15.62
CA MET C 92 10.26 25.13 -15.36
C MET C 92 11.34 24.10 -15.00
N ILE C 93 11.30 22.95 -15.67
CA ILE C 93 12.37 22.00 -15.64
C ILE C 93 12.96 21.79 -17.03
N TRP C 94 14.23 22.14 -17.21
CA TRP C 94 15.00 21.92 -18.45
C TRP C 94 15.21 20.43 -18.68
N LYS C 95 14.99 19.97 -19.91
CA LYS C 95 15.14 18.56 -20.22
C LYS C 95 16.01 18.43 -21.46
N GLN C 96 16.69 17.28 -21.54
CA GLN C 96 17.30 16.80 -22.76
C GLN C 96 17.08 15.32 -22.83
N MET C 97 16.99 14.79 -24.04
CA MET C 97 16.67 13.41 -24.27
C MET C 97 17.75 12.93 -25.21
N TYR C 98 18.20 11.69 -25.03
CA TYR C 98 19.38 11.24 -25.75
C TYR C 98 19.47 9.75 -25.54
N ASN C 99 20.39 9.14 -26.27
CA ASN C 99 20.65 7.71 -26.17
C ASN C 99 19.48 6.87 -26.59
N PHE C 100 18.87 7.19 -27.75
CA PHE C 100 17.63 6.49 -28.12
C PHE C 100 17.95 5.09 -28.68
N SER C 101 17.27 4.03 -28.28
CA SER C 101 17.42 2.80 -29.03
C SER C 101 16.81 2.88 -30.45
N LYS C 102 17.09 1.86 -31.25
CA LYS C 102 16.84 1.89 -32.69
C LYS C 102 15.32 2.00 -32.98
N ASP C 103 14.58 1.38 -32.08
CA ASP C 103 13.16 1.22 -32.06
C ASP C 103 12.44 2.08 -30.98
N CYS C 104 13.10 3.07 -30.41
CA CYS C 104 12.51 3.82 -29.29
C CYS C 104 11.26 4.65 -29.69
N ILE C 105 10.21 4.52 -28.91
CA ILE C 105 8.96 5.26 -29.03
C ILE C 105 8.65 5.86 -27.64
N LEU C 106 8.83 7.16 -27.54
CA LEU C 106 8.55 7.97 -26.34
C LEU C 106 7.12 8.54 -26.40
N LEU C 107 6.24 8.18 -25.47
CA LEU C 107 4.90 8.79 -25.28
C LEU C 107 4.99 9.87 -24.20
N VAL C 108 4.45 11.04 -24.50
CA VAL C 108 4.38 12.18 -23.65
C VAL C 108 2.94 12.63 -23.46
N LEU C 109 2.61 12.83 -22.17
CA LEU C 109 1.32 13.33 -21.71
C LEU C 109 1.55 14.71 -21.09
N THR C 110 0.60 15.60 -21.33
CA THR C 110 0.71 16.97 -20.84
C THR C 110 -0.68 17.52 -20.65
N ASN C 111 -0.66 18.58 -19.85
CA ASN C 111 -1.89 19.17 -19.33
C ASN C 111 -2.21 20.51 -20.01
N THR C 112 -1.46 20.88 -21.05
CA THR C 112 -1.73 22.11 -21.81
C THR C 112 -1.90 21.87 -23.31
N TYR C 113 -2.67 22.76 -23.94
CA TYR C 113 -2.59 22.91 -25.40
C TYR C 113 -1.23 23.51 -25.76
N TYR C 114 -0.72 23.15 -26.90
CA TYR C 114 0.56 23.67 -27.36
C TYR C 114 0.58 25.19 -27.46
N ASP C 115 1.67 25.79 -27.01
CA ASP C 115 1.84 27.24 -27.02
C ASP C 115 3.31 27.57 -27.10
N GLU C 116 3.80 27.91 -28.28
CA GLU C 116 5.21 28.23 -28.46
C GLU C 116 5.75 29.39 -27.62
N LYS C 117 4.85 30.21 -27.08
CA LYS C 117 5.31 31.34 -26.25
C LYS C 117 5.90 30.95 -24.89
N GLU C 118 5.56 29.75 -24.42
CA GLU C 118 5.99 29.28 -23.11
C GLU C 118 7.40 28.67 -23.18
N TYR C 119 7.94 28.48 -24.37
CA TYR C 119 9.25 27.88 -24.51
C TYR C 119 10.39 28.77 -24.01
N ILE C 120 11.41 28.14 -23.42
CA ILE C 120 12.63 28.85 -23.04
C ILE C 120 13.78 28.10 -23.66
N TYR C 121 14.48 28.74 -24.59
CA TYR C 121 15.52 28.10 -25.39
C TYR C 121 16.92 28.50 -24.89
N ASP C 122 16.97 29.47 -23.97
CA ASP C 122 18.21 30.09 -23.52
C ASP C 122 18.49 29.67 -22.08
N TYR C 123 19.49 28.82 -21.90
CA TYR C 123 19.71 28.16 -20.62
C TYR C 123 20.04 29.19 -19.55
N LYS C 124 20.80 30.22 -19.91
CA LYS C 124 21.16 31.27 -18.95
C LYS C 124 19.92 32.02 -18.50
N TYR C 125 19.00 32.30 -19.45
CA TYR C 125 17.79 33.03 -19.11
C TYR C 125 16.93 32.15 -18.20
N PHE C 126 16.92 30.84 -18.46
CA PHE C 126 16.19 29.90 -17.62
C PHE C 126 16.68 29.93 -16.17
N CYS C 127 18.00 29.83 -15.99
CA CYS C 127 18.58 29.78 -14.63
C CYS C 127 18.21 31.05 -13.89
N GLU C 128 18.42 32.18 -14.56
CA GLU C 128 17.98 33.47 -14.07
C GLU C 128 16.54 33.46 -13.60
N LEU C 129 15.64 32.88 -14.40
CA LEU C 129 14.20 32.86 -14.02
C LEU C 129 13.94 32.04 -12.78
N LYS C 130 14.71 30.97 -12.65
CA LYS C 130 14.65 30.11 -11.49
C LYS C 130 14.94 30.79 -10.13
N ASN C 131 14.95 32.12 -10.06
CA ASN C 131 15.09 32.87 -8.79
C ASN C 131 13.89 33.81 -8.48
#